data_6XRZ
#
_entry.id   6XRZ
#
_entity_poly.entity_id   1
_entity_poly.type   'polyribonucleotide'
_entity_poly.pdbx_seq_one_letter_code
;GUUUUUAAACGGGUUUGCGGUGUAAGUGCAGCCCGUCUUACACCGUGCGGCACAGGCACUAGUACUGAUGUCGUAUACAG
GGCUUUUG
;
_entity_poly.pdbx_strand_id   A
#
loop_
_chem_comp.id
_chem_comp.type
_chem_comp.name
_chem_comp.formula
A RNA linking ADENOSINE-5'-MONOPHOSPHATE 'C10 H14 N5 O7 P'
C RNA linking CYTIDINE-5'-MONOPHOSPHATE 'C9 H14 N3 O8 P'
G RNA linking GUANOSINE-5'-MONOPHOSPHATE 'C10 H14 N5 O8 P'
U RNA linking URIDINE-5'-MONOPHOSPHATE 'C9 H13 N2 O9 P'
#